data_6PIT
#
_entry.id   6PIT
#
_cell.length_a   55.534
_cell.length_b   71.030
_cell.length_c   58.082
_cell.angle_alpha   90.000
_cell.angle_beta   108.680
_cell.angle_gamma   90.000
#
_symmetry.space_group_name_H-M   'P 1 21 1'
#
loop_
_entity.id
_entity.type
_entity.pdbx_description
1 polymer 'Estrogen receptor'
2 polymer 'Estrogen receptor'
3 polymer 'Stapled Peptide 41A'
4 non-polymer ESTRADIOL
5 water water
#
loop_
_entity_poly.entity_id
_entity_poly.type
_entity_poly.pdbx_seq_one_letter_code
_entity_poly.pdbx_strand_id
1 'polypeptide(L)'
;EMDPMIKRSKKNSLALSLTADQMVSALLDAEPPILYSEYDPTRPFSEASMMGLLTNLADRELVHMINWAKRVPGFVDLTL
HDQVHLLE(SCH)AWLEILMIGLVWRSMEHPGKLLFAPNLLLDRNQGKCVEGMVEIFDMLLATSSRFRMMNLQGEEFVCL
KSIILLNSGVYTFLSSTLKSLEEKDHIHRVLDKITDTLIHLMAKAGLTLQQQHQRLAQLLLILSHIRHMSNKGMEHLYSM
KCKNVVPLSDLLLEMLDAHRLHAPTS
;
A
2 'polypeptide(L)'
;EMDPMIKRSKKNSLALSLTADQMVSALLDAEPPILYSEYDPTRPFSEASMMGLLTNLADRELVHMINWAKRVPGFVDLTL
HDQVHLLECAWLEILMIGLVWRSMEHPGKLLFAPNLLLDRNQGK(SCH)VEGMVEIFDMLLATSSRFRMMNLQGEEFVCL
KSIILLNSGVYTFLSSTLKSLEEKDHIHRVLDKITDTLIHLMAKAGLTLQQQHQRLAQLLLILSHIRHMSNKGMEHLYSM
KCKNVVPLSDLLLEMLDAHRLHAPTS
;
B
3 'polypeptide(L)' (ACE)HKKLHR(LOU)LQDS D,C
#
# COMPACT_ATOMS: atom_id res chain seq x y z
N ALA A 15 -16.11 -3.06 22.05
CA ALA A 15 -17.39 -2.68 21.46
C ALA A 15 -17.75 -3.68 20.38
N LEU A 16 -16.76 -3.93 19.52
CA LEU A 16 -16.89 -4.91 18.47
C LEU A 16 -16.84 -6.35 18.99
N SER A 17 -17.89 -6.78 19.68
CA SER A 17 -18.06 -8.19 19.95
C SER A 17 -19.25 -8.64 19.14
N LEU A 18 -19.39 -8.00 17.98
CA LEU A 18 -20.46 -8.27 17.03
C LEU A 18 -20.19 -9.57 16.28
N THR A 19 -21.25 -10.19 15.79
CA THR A 19 -21.08 -11.36 14.94
C THR A 19 -20.59 -10.92 13.57
N ALA A 20 -20.17 -11.88 12.75
CA ALA A 20 -19.60 -11.58 11.44
C ALA A 20 -20.59 -10.82 10.56
N ASP A 21 -21.84 -11.27 10.54
CA ASP A 21 -22.88 -10.63 9.75
C ASP A 21 -23.42 -9.38 10.43
N GLN A 22 -23.25 -9.31 11.75
CA GLN A 22 -23.61 -8.09 12.48
C GLN A 22 -22.67 -6.97 12.08
N MET A 23 -21.41 -7.32 11.84
CA MET A 23 -20.41 -6.38 11.37
C MET A 23 -20.71 -5.93 9.94
N VAL A 24 -21.11 -6.89 9.10
CA VAL A 24 -21.44 -6.62 7.71
C VAL A 24 -22.59 -5.62 7.61
N SER A 25 -23.71 -5.95 8.24
CA SER A 25 -24.92 -5.12 8.19
C SER A 25 -24.70 -3.76 8.85
N ALA A 26 -23.73 -3.69 9.76
CA ALA A 26 -23.40 -2.42 10.41
C ALA A 26 -22.71 -1.49 9.41
N LEU A 27 -21.82 -2.05 8.62
CA LEU A 27 -21.10 -1.28 7.60
C LEU A 27 -22.01 -0.94 6.42
N LEU A 28 -22.89 -1.86 6.07
CA LEU A 28 -23.81 -1.66 4.96
C LEU A 28 -24.77 -0.50 5.23
N ASP A 29 -25.22 -0.38 6.47
CA ASP A 29 -26.16 0.66 6.84
C ASP A 29 -25.45 2.01 7.01
N ALA A 30 -24.16 1.95 7.31
CA ALA A 30 -23.37 3.16 7.54
C ALA A 30 -22.95 3.81 6.22
N GLU A 31 -23.14 3.08 5.12
CA GLU A 31 -22.74 3.54 3.79
C GLU A 31 -23.30 4.90 3.42
N PRO A 32 -22.42 5.79 2.93
CA PRO A 32 -22.81 7.12 2.46
C PRO A 32 -23.56 7.03 1.13
N PRO A 33 -24.35 8.06 0.80
CA PRO A 33 -25.07 8.08 -0.47
C PRO A 33 -24.17 8.42 -1.66
N ILE A 34 -24.66 8.13 -2.87
CA ILE A 34 -23.95 8.53 -4.08
C ILE A 34 -24.41 9.93 -4.50
N LEU A 35 -23.54 10.91 -4.30
CA LEU A 35 -23.90 12.30 -4.58
C LEU A 35 -23.82 12.64 -6.06
N TYR A 36 -24.56 13.66 -6.46
CA TYR A 36 -24.49 14.19 -7.82
C TYR A 36 -23.53 15.37 -7.85
N SER A 37 -23.12 15.76 -9.05
CA SER A 37 -22.23 16.91 -9.22
C SER A 37 -23.00 18.11 -9.76
N ALA A 48 -9.02 23.13 -15.12
CA ALA A 48 -9.69 24.41 -14.87
C ALA A 48 -11.09 24.19 -14.32
N SER A 49 -12.06 24.00 -15.22
CA SER A 49 -13.43 23.74 -14.81
C SER A 49 -13.59 22.28 -14.35
N MET A 50 -12.77 21.41 -14.92
CA MET A 50 -12.79 19.99 -14.56
C MET A 50 -12.35 19.81 -13.12
N MET A 51 -11.32 20.54 -12.71
CA MET A 51 -10.84 20.50 -11.34
C MET A 51 -11.90 21.01 -10.37
N GLY A 52 -12.65 22.01 -10.82
CA GLY A 52 -13.72 22.56 -10.02
C GLY A 52 -14.82 21.55 -9.73
N LEU A 53 -15.20 20.79 -10.76
CA LEU A 53 -16.25 19.78 -10.62
C LEU A 53 -15.84 18.66 -9.67
N LEU A 54 -14.59 18.22 -9.77
CA LEU A 54 -14.11 17.09 -8.99
C LEU A 54 -13.84 17.47 -7.53
N THR A 55 -13.31 18.67 -7.31
CA THR A 55 -12.97 19.12 -5.97
C THR A 55 -14.20 19.53 -5.17
N ASN A 56 -15.20 20.10 -5.85
CA ASN A 56 -16.46 20.44 -5.20
C ASN A 56 -17.24 19.19 -4.82
N LEU A 57 -17.14 18.16 -5.67
CA LEU A 57 -17.77 16.88 -5.39
C LEU A 57 -17.11 16.20 -4.20
N ALA A 58 -15.79 16.18 -4.21
CA ALA A 58 -15.01 15.58 -3.13
C ALA A 58 -15.29 16.27 -1.81
N ASP A 59 -15.44 17.60 -1.86
CA ASP A 59 -15.72 18.39 -0.68
C ASP A 59 -17.04 18.00 -0.03
N ARG A 60 -18.06 17.76 -0.84
CA ARG A 60 -19.37 17.37 -0.33
C ARG A 60 -19.36 15.91 0.13
N GLU A 61 -18.48 15.11 -0.45
CA GLU A 61 -18.34 13.71 -0.04
C GLU A 61 -17.57 13.59 1.27
N LEU A 62 -16.71 14.57 1.55
CA LEU A 62 -15.92 14.58 2.78
C LEU A 62 -16.82 14.66 4.00
N VAL A 63 -17.87 15.46 3.93
CA VAL A 63 -18.79 15.63 5.05
C VAL A 63 -19.52 14.33 5.35
N HIS A 64 -19.95 13.64 4.30
CA HIS A 64 -20.63 12.35 4.45
C HIS A 64 -19.67 11.28 4.93
N MET A 65 -18.40 11.41 4.57
CA MET A 65 -17.38 10.46 4.99
C MET A 65 -17.12 10.55 6.49
N ILE A 66 -17.11 11.78 7.01
CA ILE A 66 -16.88 12.02 8.43
C ILE A 66 -17.91 11.30 9.30
N ASN A 67 -19.18 11.46 8.95
CA ASN A 67 -20.26 10.82 9.68
C ASN A 67 -20.32 9.32 9.41
N TRP A 68 -19.78 8.90 8.26
CA TRP A 68 -19.68 7.48 7.95
C TRP A 68 -18.64 6.82 8.85
N ALA A 69 -17.53 7.50 9.05
CA ALA A 69 -16.44 6.97 9.87
C ALA A 69 -16.89 6.76 11.32
N LYS A 70 -17.74 7.67 11.80
CA LYS A 70 -18.27 7.60 13.15
C LYS A 70 -19.12 6.33 13.35
N ARG A 71 -19.75 5.87 12.28
CA ARG A 71 -20.61 4.69 12.36
C ARG A 71 -19.83 3.41 12.12
N VAL A 72 -18.54 3.54 11.82
CA VAL A 72 -17.67 2.37 11.71
C VAL A 72 -17.38 1.84 13.11
N PRO A 73 -17.73 0.56 13.37
CA PRO A 73 -17.59 -0.06 14.69
C PRO A 73 -16.18 0.02 15.26
N GLY A 74 -16.04 0.72 16.38
CA GLY A 74 -14.76 0.84 17.05
C GLY A 74 -13.99 2.10 16.72
N PHE A 75 -14.58 2.96 15.90
CA PHE A 75 -13.93 4.19 15.50
C PHE A 75 -14.16 5.31 16.51
N VAL A 76 -15.37 5.37 17.06
CA VAL A 76 -15.70 6.38 18.06
C VAL A 76 -15.12 6.04 19.43
N ASP A 77 -14.62 4.81 19.56
CA ASP A 77 -13.95 4.40 20.79
C ASP A 77 -12.57 5.03 20.87
N LEU A 78 -12.06 5.46 19.72
CA LEU A 78 -10.79 6.17 19.65
C LEU A 78 -10.96 7.62 20.10
N THR A 79 -9.88 8.26 20.50
CA THR A 79 -9.93 9.68 20.81
C THR A 79 -10.16 10.49 19.54
N LEU A 80 -10.66 11.72 19.72
CA LEU A 80 -10.92 12.63 18.61
C LEU A 80 -9.64 12.93 17.84
N HIS A 81 -8.54 13.10 18.57
CA HIS A 81 -7.25 13.36 17.97
C HIS A 81 -6.83 12.25 17.01
N ASP A 82 -7.16 11.02 17.37
CA ASP A 82 -6.77 9.86 16.58
C ASP A 82 -7.75 9.61 15.43
N GLN A 83 -9.01 9.97 15.64
CA GLN A 83 -10.02 9.88 14.59
C GLN A 83 -9.67 10.84 13.45
N VAL A 84 -9.22 12.04 13.82
CA VAL A 84 -8.79 13.04 12.86
C VAL A 84 -7.59 12.54 12.06
N HIS A 85 -6.59 12.02 12.77
CA HIS A 85 -5.37 11.53 12.14
C HIS A 85 -5.67 10.44 11.11
N LEU A 86 -6.60 9.55 11.43
CA LEU A 86 -6.95 8.46 10.53
C LEU A 86 -7.69 8.95 9.30
N LEU A 87 -8.57 9.94 9.48
CA LEU A 87 -9.34 10.48 8.36
C LEU A 87 -8.46 11.31 7.42
N GLU A 88 -7.60 12.14 8.01
CA GLU A 88 -6.68 12.97 7.23
C GLU A 88 -5.75 12.10 6.38
N ALA A 90 -6.42 8.85 5.28
CA ALA A 90 -7.09 7.91 4.37
C ALA A 90 -8.18 8.51 3.49
N TRP A 91 -8.45 9.81 3.61
CA TRP A 91 -9.63 10.40 2.97
C TRP A 91 -9.65 10.22 1.44
N LEU A 92 -8.50 10.36 0.80
CA LEU A 92 -8.45 10.23 -0.66
C LEU A 92 -8.51 8.76 -1.09
N GLU A 93 -7.94 7.88 -0.27
CA GLU A 93 -8.05 6.45 -0.52
C GLU A 93 -9.51 6.02 -0.47
N ILE A 94 -10.24 6.54 0.51
CA ILE A 94 -11.63 6.21 0.71
C ILE A 94 -12.50 6.74 -0.43
N LEU A 95 -12.15 7.94 -0.91
CA LEU A 95 -12.84 8.51 -2.07
C LEU A 95 -12.58 7.70 -3.33
N MET A 96 -11.35 7.22 -3.46
CA MET A 96 -10.95 6.50 -4.67
C MET A 96 -11.52 5.09 -4.73
N ILE A 97 -11.53 4.37 -3.61
CA ILE A 97 -12.10 3.02 -3.60
C ILE A 97 -13.61 3.09 -3.78
N GLY A 98 -14.21 4.21 -3.38
CA GLY A 98 -15.63 4.43 -3.58
C GLY A 98 -15.93 4.65 -5.05
N LEU A 99 -15.12 5.50 -5.68
CA LEU A 99 -15.22 5.77 -7.10
C LEU A 99 -15.05 4.50 -7.92
N VAL A 100 -14.00 3.75 -7.61
CA VAL A 100 -13.68 2.51 -8.30
C VAL A 100 -14.82 1.49 -8.17
N TRP A 101 -15.45 1.46 -7.00
CA TRP A 101 -16.55 0.53 -6.74
C TRP A 101 -17.77 0.80 -7.63
N ARG A 102 -18.21 2.05 -7.67
CA ARG A 102 -19.41 2.40 -8.43
C ARG A 102 -19.13 2.56 -9.91
N SER A 103 -17.89 2.32 -10.32
CA SER A 103 -17.50 2.43 -11.72
C SER A 103 -17.41 1.05 -12.38
N MET A 104 -17.59 0.00 -11.57
CA MET A 104 -17.48 -1.37 -12.05
C MET A 104 -18.45 -1.66 -13.20
N GLU A 105 -19.67 -1.16 -13.09
CA GLU A 105 -20.69 -1.42 -14.10
C GLU A 105 -20.49 -0.58 -15.36
N HIS A 106 -19.43 0.23 -15.37
CA HIS A 106 -19.13 1.08 -16.51
C HIS A 106 -17.67 0.93 -16.93
N PRO A 107 -17.35 -0.15 -17.67
CA PRO A 107 -15.98 -0.43 -18.12
C PRO A 107 -15.39 0.70 -18.96
N GLY A 108 -14.14 1.05 -18.66
CA GLY A 108 -13.46 2.11 -19.39
C GLY A 108 -13.94 3.50 -19.02
N LYS A 109 -14.73 3.59 -17.96
CA LYS A 109 -15.27 4.86 -17.52
C LYS A 109 -15.24 5.00 -16.00
N LEU A 110 -15.14 6.24 -15.51
CA LEU A 110 -15.16 6.52 -14.09
C LEU A 110 -16.41 7.30 -13.70
N LEU A 111 -17.24 6.70 -12.86
CA LEU A 111 -18.48 7.34 -12.44
C LEU A 111 -18.27 8.14 -11.15
N PHE A 112 -17.78 9.36 -11.29
CA PHE A 112 -17.62 10.27 -10.16
C PHE A 112 -18.99 10.59 -9.57
N ALA A 113 -19.98 10.67 -10.45
CA ALA A 113 -21.36 10.93 -10.08
C ALA A 113 -22.27 10.37 -11.17
N PRO A 114 -23.55 10.11 -10.84
CA PRO A 114 -24.48 9.64 -11.88
C PRO A 114 -24.58 10.60 -13.06
N ASN A 115 -24.42 11.89 -12.79
CA ASN A 115 -24.41 12.90 -13.85
C ASN A 115 -22.99 13.32 -14.21
N LEU A 116 -22.02 12.47 -13.90
CA LEU A 116 -20.63 12.76 -14.23
C LEU A 116 -19.86 11.47 -14.52
N LEU A 117 -20.20 10.82 -15.63
CA LEU A 117 -19.50 9.63 -16.08
C LEU A 117 -18.41 10.02 -17.06
N LEU A 118 -17.15 9.87 -16.64
CA LEU A 118 -16.03 10.35 -17.44
C LEU A 118 -15.23 9.21 -18.08
N ASP A 119 -14.83 9.42 -19.33
CA ASP A 119 -14.02 8.45 -20.05
C ASP A 119 -12.53 8.71 -19.82
N ARG A 120 -11.68 7.85 -20.35
CA ARG A 120 -10.24 7.98 -20.16
C ARG A 120 -9.69 9.23 -20.83
N ASN A 121 -10.12 9.48 -22.07
CA ASN A 121 -9.64 10.61 -22.84
C ASN A 121 -9.99 11.96 -22.21
N GLN A 122 -11.03 11.96 -21.37
CA GLN A 122 -11.43 13.17 -20.66
C GLN A 122 -10.53 13.41 -19.45
N GLY A 123 -9.59 12.49 -19.22
CA GLY A 123 -8.60 12.66 -18.18
C GLY A 123 -7.46 13.54 -18.66
N LYS A 124 -7.32 13.63 -19.98
CA LYS A 124 -6.28 14.45 -20.59
C LYS A 124 -6.58 15.94 -20.44
N CYS A 125 -7.80 16.25 -20.04
CA CYS A 125 -8.24 17.63 -19.89
C CYS A 125 -7.43 18.36 -18.83
N VAL A 126 -6.94 17.63 -17.84
CA VAL A 126 -6.17 18.23 -16.76
C VAL A 126 -4.70 17.82 -16.82
N MET A 129 -3.29 14.15 -15.51
CA MET A 129 -4.25 13.42 -14.68
C MET A 129 -4.64 12.09 -15.31
N VAL A 130 -4.42 11.96 -16.61
CA VAL A 130 -4.81 10.74 -17.32
C VAL A 130 -4.09 9.51 -16.77
N GLU A 131 -2.94 9.73 -16.15
CA GLU A 131 -2.20 8.65 -15.51
C GLU A 131 -2.95 8.16 -14.28
N ILE A 132 -3.56 9.09 -13.56
CA ILE A 132 -4.37 8.75 -12.39
C ILE A 132 -5.64 8.04 -12.81
N PHE A 133 -6.25 8.52 -13.89
CA PHE A 133 -7.45 7.91 -14.44
C PHE A 133 -7.19 6.45 -14.84
N ASP A 134 -6.07 6.22 -15.52
CA ASP A 134 -5.69 4.89 -15.98
C ASP A 134 -5.63 3.88 -14.84
N MET A 135 -5.00 4.28 -13.73
CA MET A 135 -4.86 3.41 -12.57
C MET A 135 -6.21 3.14 -11.91
N LEU A 136 -7.06 4.17 -11.88
CA LEU A 136 -8.41 4.01 -11.32
C LEU A 136 -9.24 3.08 -12.20
N LEU A 137 -9.07 3.20 -13.51
CA LEU A 137 -9.76 2.35 -14.46
C LEU A 137 -9.27 0.90 -14.36
N ALA A 138 -7.96 0.73 -14.19
CA ALA A 138 -7.37 -0.59 -14.07
C ALA A 138 -7.81 -1.27 -12.78
N THR A 139 -8.02 -0.47 -11.74
CA THR A 139 -8.49 -0.99 -10.46
C THR A 139 -9.95 -1.41 -10.54
N SER A 140 -10.75 -0.60 -11.22
CA SER A 140 -12.17 -0.90 -11.42
C SER A 140 -12.32 -2.16 -12.24
N SER A 141 -11.44 -2.33 -13.21
CA SER A 141 -11.41 -3.54 -14.03
C SER A 141 -11.02 -4.74 -13.19
N ARG A 142 -10.09 -4.54 -12.27
CA ARG A 142 -9.61 -5.61 -11.40
C ARG A 142 -10.71 -6.11 -10.47
N PHE A 143 -11.54 -5.19 -9.99
CA PHE A 143 -12.67 -5.55 -9.14
C PHE A 143 -13.70 -6.37 -9.91
N ARG A 144 -13.86 -6.04 -11.19
CA ARG A 144 -14.78 -6.77 -12.06
C ARG A 144 -14.34 -8.21 -12.26
N MET A 145 -13.05 -8.40 -12.49
CA MET A 145 -12.50 -9.74 -12.73
C MET A 145 -12.59 -10.61 -11.48
N MET A 146 -12.63 -9.97 -10.33
CA MET A 146 -12.75 -10.68 -9.06
C MET A 146 -14.21 -10.83 -8.64
N ASN A 147 -15.09 -10.14 -9.35
CA ASN A 147 -16.51 -10.08 -9.00
C ASN A 147 -16.67 -9.64 -7.55
N LEU A 148 -16.10 -8.47 -7.23
CA LEU A 148 -16.13 -7.95 -5.87
C LEU A 148 -17.56 -7.73 -5.40
N GLN A 149 -17.88 -8.27 -4.23
CA GLN A 149 -19.21 -8.16 -3.66
C GLN A 149 -19.30 -6.92 -2.77
N GLY A 150 -20.51 -6.38 -2.62
CA GLY A 150 -20.73 -5.20 -1.81
C GLY A 150 -20.34 -5.41 -0.36
N GLU A 151 -20.56 -6.62 0.14
CA GLU A 151 -20.21 -6.96 1.51
C GLU A 151 -18.69 -6.91 1.72
N GLU A 152 -17.95 -7.23 0.67
CA GLU A 152 -16.49 -7.20 0.72
C GLU A 152 -15.96 -5.78 0.58
N PHE A 153 -16.68 -4.97 -0.19
CA PHE A 153 -16.29 -3.58 -0.43
C PHE A 153 -16.30 -2.76 0.86
N VAL A 154 -17.38 -2.90 1.64
CA VAL A 154 -17.53 -2.12 2.86
C VAL A 154 -16.52 -2.55 3.92
N CYS A 155 -16.03 -3.78 3.82
CA CYS A 155 -14.98 -4.26 4.70
C CYS A 155 -13.64 -3.63 4.33
N LEU A 156 -13.36 -3.62 3.04
CA LEU A 156 -12.10 -3.06 2.53
C LEU A 156 -11.97 -1.57 2.84
N LYS A 157 -13.06 -0.84 2.71
CA LYS A 157 -13.05 0.60 2.94
C LYS A 157 -12.83 0.93 4.41
N SER A 158 -13.43 0.12 5.29
N SER A 158 -13.43 0.12 5.29
CA SER A 158 -13.26 0.27 6.73
CA SER A 158 -13.25 0.30 6.73
C SER A 158 -11.84 -0.09 7.15
C SER A 158 -11.84 -0.08 7.15
N ILE A 159 -11.25 -1.03 6.42
CA ILE A 159 -9.88 -1.44 6.68
C ILE A 159 -8.92 -0.29 6.37
N ILE A 160 -9.13 0.34 5.22
CA ILE A 160 -8.33 1.48 4.80
C ILE A 160 -8.34 2.59 5.84
N LEU A 161 -9.54 2.94 6.32
CA LEU A 161 -9.73 3.96 7.33
C LEU A 161 -8.88 3.73 8.57
N LEU A 162 -8.85 2.48 9.03
CA LEU A 162 -8.19 2.14 10.29
C LEU A 162 -6.71 1.80 10.13
N ASN A 163 -6.32 1.36 8.94
CA ASN A 163 -4.96 0.87 8.72
C ASN A 163 -3.99 1.91 8.15
N SER A 164 -4.51 2.82 7.33
CA SER A 164 -3.67 3.75 6.58
C SER A 164 -2.81 4.65 7.46
N GLY A 165 -3.32 5.01 8.64
CA GLY A 165 -2.60 5.92 9.51
C GLY A 165 -2.16 5.33 10.84
N VAL A 166 -2.28 4.02 10.98
CA VAL A 166 -1.98 3.36 12.25
C VAL A 166 -0.48 3.37 12.55
N TYR A 167 0.35 3.43 11.52
CA TYR A 167 1.79 3.39 11.69
C TYR A 167 2.39 4.78 11.82
N THR A 168 1.53 5.75 12.13
CA THR A 168 1.97 7.14 12.28
C THR A 168 1.27 7.81 13.46
N THR A 173 4.32 5.61 25.41
CA THR A 173 3.53 5.31 26.61
C THR A 173 2.61 4.12 26.37
N LEU A 174 2.22 3.46 27.47
CA LEU A 174 1.31 2.32 27.37
C LEU A 174 -0.10 2.79 27.02
N LYS A 175 -0.45 3.97 27.50
CA LYS A 175 -1.77 4.55 27.24
C LYS A 175 -2.01 4.71 25.74
N SER A 176 -1.00 5.18 25.02
CA SER A 176 -1.08 5.34 23.58
C SER A 176 -0.87 4.01 22.87
N LEU A 177 -0.32 3.03 23.60
CA LEU A 177 -0.09 1.71 23.06
C LEU A 177 -1.42 0.95 22.97
N GLU A 178 -2.20 0.99 24.04
CA GLU A 178 -3.45 0.25 24.12
C GLU A 178 -4.45 0.63 23.03
N GLU A 179 -4.33 1.84 22.50
CA GLU A 179 -5.25 2.31 21.47
C GLU A 179 -4.81 1.83 20.08
N LYS A 180 -3.51 1.72 19.89
CA LYS A 180 -2.98 1.13 18.67
C LYS A 180 -3.34 -0.35 18.64
N ASP A 181 -3.34 -0.97 19.82
CA ASP A 181 -3.75 -2.36 19.98
C ASP A 181 -5.23 -2.51 19.66
N HIS A 182 -6.02 -1.53 20.07
CA HIS A 182 -7.46 -1.53 19.80
C HIS A 182 -7.75 -1.53 18.31
N ILE A 183 -7.03 -0.67 17.58
CA ILE A 183 -7.16 -0.60 16.13
C ILE A 183 -6.78 -1.93 15.49
N HIS A 184 -5.74 -2.55 16.04
CA HIS A 184 -5.28 -3.85 15.58
C HIS A 184 -6.34 -4.92 15.76
N ARG A 185 -7.03 -4.89 16.91
CA ARG A 185 -8.06 -5.87 17.21
C ARG A 185 -9.25 -5.73 16.27
N VAL A 186 -9.66 -4.49 16.01
CA VAL A 186 -10.76 -4.23 15.10
C VAL A 186 -10.40 -4.66 13.68
N LEU A 187 -9.14 -4.43 13.30
CA LEU A 187 -8.67 -4.85 11.99
C LEU A 187 -8.73 -6.37 11.83
N ASP A 188 -8.37 -7.09 12.89
CA ASP A 188 -8.49 -8.54 12.90
C ASP A 188 -9.95 -8.96 12.79
N LYS A 189 -10.82 -8.16 13.38
CA LYS A 189 -12.25 -8.45 13.38
C LYS A 189 -12.83 -8.35 11.97
N ILE A 190 -12.46 -7.29 11.25
CA ILE A 190 -12.92 -7.09 9.88
C ILE A 190 -12.33 -8.15 8.95
N THR A 191 -11.12 -8.58 9.26
CA THR A 191 -10.48 -9.67 8.50
C THR A 191 -11.29 -10.95 8.66
N ASP A 192 -11.67 -11.26 9.90
CA ASP A 192 -12.53 -12.40 10.18
C ASP A 192 -13.82 -12.30 9.40
N THR A 193 -14.30 -11.08 9.23
CA THR A 193 -15.55 -10.82 8.52
C THR A 193 -15.40 -11.09 7.03
N LEU A 194 -14.27 -10.67 6.46
CA LEU A 194 -13.98 -10.91 5.06
C LEU A 194 -13.89 -12.41 4.76
N ILE A 195 -13.19 -13.13 5.63
CA ILE A 195 -13.07 -14.58 5.51
C ILE A 195 -14.43 -15.25 5.64
N HIS A 196 -15.24 -14.74 6.56
CA HIS A 196 -16.60 -15.24 6.76
C HIS A 196 -17.44 -15.15 5.50
N LEU A 197 -17.29 -14.03 4.78
CA LEU A 197 -18.02 -13.80 3.55
C LEU A 197 -17.61 -14.78 2.45
N MET A 198 -16.32 -15.08 2.40
CA MET A 198 -15.79 -16.01 1.40
C MET A 198 -16.14 -17.45 1.75
N ALA A 199 -16.15 -17.76 3.04
CA ALA A 199 -16.55 -19.08 3.51
C ALA A 199 -18.01 -19.33 3.18
N LYS A 200 -18.84 -18.31 3.41
CA LYS A 200 -20.26 -18.38 3.11
C LYS A 200 -20.49 -18.50 1.61
N ALA A 201 -19.59 -17.91 0.83
CA ALA A 201 -19.69 -17.95 -0.63
C ALA A 201 -19.35 -19.32 -1.20
N GLY A 202 -18.92 -20.23 -0.32
CA GLY A 202 -18.65 -21.60 -0.72
C GLY A 202 -17.21 -21.83 -1.18
N LEU A 203 -16.37 -20.83 -0.98
CA LEU A 203 -14.96 -20.93 -1.37
C LEU A 203 -14.21 -21.88 -0.43
N THR A 204 -13.30 -22.67 -1.00
CA THR A 204 -12.48 -23.56 -0.19
C THR A 204 -11.49 -22.76 0.65
N LEU A 205 -10.89 -23.41 1.64
CA LEU A 205 -9.97 -22.76 2.56
C LEU A 205 -8.81 -22.10 1.85
N GLN A 206 -8.28 -22.77 0.83
CA GLN A 206 -7.18 -22.24 0.04
C GLN A 206 -7.61 -21.02 -0.76
N GLN A 207 -8.81 -21.08 -1.32
CA GLN A 207 -9.34 -19.98 -2.13
C GLN A 207 -9.63 -18.75 -1.27
N GLN A 208 -9.98 -18.97 -0.01
CA GLN A 208 -10.24 -17.88 0.92
C GLN A 208 -8.96 -17.09 1.19
N HIS A 209 -7.88 -17.80 1.46
CA HIS A 209 -6.59 -17.18 1.73
C HIS A 209 -6.09 -16.37 0.52
N GLN A 210 -6.27 -16.95 -0.66
CA GLN A 210 -5.80 -16.31 -1.89
C GLN A 210 -6.61 -15.06 -2.22
N ARG A 211 -7.93 -15.15 -2.10
CA ARG A 211 -8.79 -14.02 -2.40
C ARG A 211 -8.60 -12.88 -1.40
N LEU A 212 -8.46 -13.23 -0.12
CA LEU A 212 -8.18 -12.26 0.93
C LEU A 212 -6.89 -11.52 0.62
N ALA A 213 -5.88 -12.26 0.19
CA ALA A 213 -4.58 -11.69 -0.16
C ALA A 213 -4.69 -10.75 -1.34
N GLN A 214 -5.42 -11.18 -2.37
CA GLN A 214 -5.60 -10.38 -3.58
C GLN A 214 -6.26 -9.04 -3.26
N LEU A 215 -7.30 -9.06 -2.44
CA LEU A 215 -8.03 -7.85 -2.08
C LEU A 215 -7.15 -6.86 -1.31
N LEU A 216 -6.39 -7.37 -0.35
CA LEU A 216 -5.55 -6.52 0.47
C LEU A 216 -4.36 -5.96 -0.31
N LEU A 217 -3.93 -6.67 -1.34
CA LEU A 217 -2.86 -6.20 -2.19
C LEU A 217 -3.33 -5.05 -3.07
N ILE A 218 -4.62 -5.04 -3.38
CA ILE A 218 -5.22 -3.96 -4.16
C ILE A 218 -5.22 -2.67 -3.34
N LEU A 219 -5.33 -2.81 -2.02
CA LEU A 219 -5.28 -1.66 -1.12
C LEU A 219 -3.94 -0.94 -1.22
N SER A 220 -2.89 -1.68 -1.57
CA SER A 220 -1.57 -1.08 -1.78
C SER A 220 -1.59 -0.16 -2.99
N HIS A 221 -2.28 -0.59 -4.04
N HIS A 221 -2.29 -0.57 -4.05
CA HIS A 221 -2.43 0.20 -5.26
CA HIS A 221 -2.37 0.26 -5.24
C HIS A 221 -3.28 1.44 -5.00
C HIS A 221 -3.29 1.46 -5.01
N ILE A 222 -4.27 1.29 -4.13
CA ILE A 222 -5.17 2.39 -3.79
C ILE A 222 -4.40 3.47 -3.03
N ARG A 223 -3.50 3.03 -2.15
CA ARG A 223 -2.58 3.93 -1.48
C ARG A 223 -1.71 4.66 -2.49
N HIS A 224 -1.20 3.92 -3.47
CA HIS A 224 -0.34 4.45 -4.52
C HIS A 224 -1.05 5.54 -5.32
N MET A 225 -2.30 5.27 -5.69
CA MET A 225 -3.10 6.25 -6.43
C MET A 225 -3.39 7.48 -5.59
N SER A 226 -3.60 7.27 -4.29
CA SER A 226 -3.88 8.36 -3.37
C SER A 226 -2.72 9.34 -3.29
N ASN A 227 -1.51 8.81 -3.10
CA ASN A 227 -0.31 9.63 -3.02
C ASN A 227 -0.07 10.40 -4.32
N LYS A 228 -0.35 9.76 -5.45
CA LYS A 228 -0.20 10.40 -6.75
C LYS A 228 -1.27 11.47 -6.96
N GLY A 229 -2.50 11.17 -6.54
CA GLY A 229 -3.58 12.13 -6.65
C GLY A 229 -3.37 13.31 -5.73
N MET A 230 -2.83 13.04 -4.56
CA MET A 230 -2.55 14.08 -3.57
C MET A 230 -1.50 15.06 -4.09
N GLU A 231 -0.46 14.51 -4.74
CA GLU A 231 0.61 15.33 -5.32
C GLU A 231 0.09 16.13 -6.49
N HIS A 232 -0.87 15.57 -7.20
CA HIS A 232 -1.51 16.22 -8.34
C HIS A 232 -2.37 17.39 -7.86
N LEU A 233 -3.21 17.13 -6.86
CA LEU A 233 -4.07 18.16 -6.29
C LEU A 233 -3.26 19.32 -5.73
N TYR A 234 -2.09 19.00 -5.18
CA TYR A 234 -1.21 20.02 -4.63
C TYR A 234 -0.57 20.87 -5.72
N SER A 235 -0.17 20.23 -6.82
CA SER A 235 0.45 20.94 -7.93
C SER A 235 -0.57 21.82 -8.65
N MET A 236 -1.84 21.45 -8.51
CA MET A 236 -2.93 22.24 -9.04
C MET A 236 -3.28 23.45 -8.17
N LYS A 237 -2.88 23.38 -6.90
CA LYS A 237 -2.98 24.52 -6.00
C LYS A 237 -2.01 25.62 -6.46
N VAL A 242 -7.60 26.34 -9.71
CA VAL A 242 -8.92 26.34 -9.07
C VAL A 242 -8.80 26.43 -7.56
N PRO A 243 -9.71 27.20 -6.94
CA PRO A 243 -9.72 27.36 -5.47
C PRO A 243 -10.32 26.16 -4.74
N LEU A 244 -9.83 25.89 -3.54
CA LEU A 244 -10.34 24.79 -2.74
C LEU A 244 -11.00 25.30 -1.45
N SER A 245 -11.87 24.47 -0.87
CA SER A 245 -12.56 24.83 0.36
C SER A 245 -11.64 24.68 1.57
N ASP A 246 -12.08 25.22 2.71
CA ASP A 246 -11.31 25.15 3.95
C ASP A 246 -11.01 23.71 4.36
N LEU A 247 -12.04 22.87 4.32
CA LEU A 247 -11.91 21.47 4.72
C LEU A 247 -10.95 20.72 3.81
N LEU A 248 -11.11 20.91 2.50
CA LEU A 248 -10.29 20.20 1.52
C LEU A 248 -8.83 20.63 1.57
N LEU A 249 -8.60 21.92 1.83
CA LEU A 249 -7.25 22.43 2.01
C LEU A 249 -6.57 21.78 3.20
N GLU A 250 -7.36 21.55 4.25
CA GLU A 250 -6.84 20.95 5.48
C GLU A 250 -6.47 19.49 5.29
N MET A 251 -7.33 18.75 4.59
CA MET A 251 -7.07 17.34 4.31
C MET A 251 -5.84 17.19 3.42
N LEU A 252 -5.65 18.16 2.54
CA LEU A 252 -4.48 18.18 1.65
C LEU A 252 -3.22 18.58 2.43
N ASP A 253 -3.36 19.57 3.31
CA ASP A 253 -2.24 20.07 4.09
C ASP A 253 -1.66 19.02 5.01
N ALA A 254 -2.48 18.03 5.37
CA ALA A 254 -2.04 16.93 6.21
C ALA A 254 -0.96 16.10 5.49
N HIS A 255 -1.01 16.12 4.17
CA HIS A 255 -0.02 15.41 3.37
C HIS A 255 0.98 16.39 2.76
N LEU B 16 5.76 -22.25 -9.63
CA LEU B 16 4.47 -22.91 -9.37
C LEU B 16 4.52 -24.43 -9.28
N SER B 17 5.62 -25.02 -9.71
CA SER B 17 5.84 -26.43 -9.58
C SER B 17 6.71 -26.71 -8.38
N LEU B 18 7.03 -25.67 -7.66
CA LEU B 18 7.80 -25.68 -6.42
C LEU B 18 6.89 -25.91 -5.23
N THR B 19 7.40 -26.61 -4.22
CA THR B 19 6.67 -26.75 -2.96
C THR B 19 6.83 -25.46 -2.16
N ALA B 20 6.15 -25.38 -1.03
CA ALA B 20 6.25 -24.21 -0.17
C ALA B 20 7.64 -24.10 0.42
N ASP B 21 8.23 -25.24 0.76
CA ASP B 21 9.57 -25.28 1.34
C ASP B 21 10.64 -24.98 0.29
N GLN B 22 10.40 -25.41 -0.95
CA GLN B 22 11.30 -25.09 -2.04
C GLN B 22 11.21 -23.61 -2.39
N MET B 23 10.00 -23.06 -2.28
CA MET B 23 9.77 -21.65 -2.54
C MET B 23 10.54 -20.78 -1.55
N VAL B 24 10.44 -21.13 -0.27
CA VAL B 24 11.13 -20.41 0.79
C VAL B 24 12.65 -20.51 0.65
N SER B 25 13.13 -21.72 0.45
CA SER B 25 14.56 -21.98 0.35
C SER B 25 15.19 -21.26 -0.85
N ALA B 26 14.45 -21.20 -1.96
CA ALA B 26 14.93 -20.53 -3.15
C ALA B 26 15.01 -19.02 -2.95
N LEU B 27 14.03 -18.47 -2.22
CA LEU B 27 14.00 -17.05 -1.93
C LEU B 27 15.09 -16.67 -0.93
N LEU B 28 15.30 -17.52 0.07
CA LEU B 28 16.35 -17.28 1.06
C LEU B 28 17.73 -17.34 0.41
N ASP B 29 17.88 -18.25 -0.55
CA ASP B 29 19.15 -18.44 -1.24
C ASP B 29 19.42 -17.32 -2.23
N ALA B 30 18.36 -16.63 -2.65
CA ALA B 30 18.48 -15.58 -3.65
C ALA B 30 18.69 -14.20 -3.02
N GLU B 31 18.71 -14.16 -1.69
CA GLU B 31 18.83 -12.91 -0.95
C GLU B 31 20.06 -12.10 -1.37
N PRO B 32 19.86 -10.79 -1.65
CA PRO B 32 20.94 -9.88 -2.00
C PRO B 32 21.88 -9.64 -0.82
N PRO B 33 23.16 -9.39 -1.10
CA PRO B 33 24.14 -9.17 -0.04
C PRO B 33 23.99 -7.80 0.63
N ILE B 34 24.45 -7.71 1.88
CA ILE B 34 24.46 -6.43 2.58
C ILE B 34 25.71 -5.65 2.19
N LEU B 35 25.52 -4.51 1.52
CA LEU B 35 26.62 -3.70 1.05
C LEU B 35 27.04 -2.64 2.07
N TYR B 36 28.24 -2.11 1.89
CA TYR B 36 28.74 -1.04 2.75
C TYR B 36 28.67 0.30 2.03
N SER B 37 28.74 1.38 2.78
CA SER B 37 28.72 2.71 2.19
C SER B 37 30.14 3.19 1.89
N GLU B 38 30.28 4.01 0.86
CA GLU B 38 31.58 4.52 0.46
C GLU B 38 31.98 5.74 1.28
N SER B 49 26.43 15.78 2.01
CA SER B 49 26.88 14.57 1.32
C SER B 49 26.20 13.32 1.89
N MET B 50 25.27 13.54 2.81
CA MET B 50 24.47 12.44 3.35
C MET B 50 23.66 11.81 2.22
N MET B 51 23.05 12.65 1.38
CA MET B 51 22.33 12.19 0.21
C MET B 51 23.27 11.49 -0.76
N GLY B 52 24.52 11.94 -0.78
CA GLY B 52 25.53 11.33 -1.62
C GLY B 52 25.80 9.90 -1.22
N LEU B 53 25.93 9.66 0.08
CA LEU B 53 26.17 8.32 0.61
C LEU B 53 24.98 7.40 0.37
N LEU B 54 23.77 7.93 0.57
CA LEU B 54 22.56 7.14 0.41
C LEU B 54 22.28 6.85 -1.06
N THR B 55 22.54 7.84 -1.93
CA THR B 55 22.38 7.66 -3.36
C THR B 55 23.36 6.62 -3.89
N ASN B 56 24.63 6.76 -3.51
CA ASN B 56 25.68 5.85 -3.93
C ASN B 56 25.39 4.41 -3.49
N LEU B 57 24.87 4.27 -2.27
CA LEU B 57 24.52 2.96 -1.73
C LEU B 57 23.35 2.34 -2.51
N ALA B 58 22.30 3.12 -2.71
CA ALA B 58 21.11 2.65 -3.40
C ALA B 58 21.42 2.25 -4.85
N ASP B 59 22.33 2.97 -5.48
CA ASP B 59 22.72 2.69 -6.86
C ASP B 59 23.41 1.34 -6.99
N ARG B 60 24.32 1.07 -6.06
CA ARG B 60 25.06 -0.19 -6.07
C ARG B 60 24.15 -1.35 -5.65
N GLU B 61 23.13 -1.05 -4.85
CA GLU B 61 22.18 -2.07 -4.43
C GLU B 61 21.23 -2.48 -5.56
N LEU B 62 20.90 -1.51 -6.42
CA LEU B 62 19.99 -1.76 -7.53
C LEU B 62 20.50 -2.85 -8.46
N VAL B 63 21.81 -2.87 -8.68
CA VAL B 63 22.43 -3.87 -9.53
C VAL B 63 22.23 -5.27 -8.95
N HIS B 64 22.36 -5.38 -7.63
CA HIS B 64 22.17 -6.65 -6.94
C HIS B 64 20.68 -7.00 -6.84
N MET B 65 19.83 -5.98 -6.96
CA MET B 65 18.39 -6.20 -6.94
C MET B 65 17.91 -6.82 -8.25
N ILE B 66 18.56 -6.41 -9.34
CA ILE B 66 18.22 -6.93 -10.66
C ILE B 66 18.49 -8.43 -10.74
N ASN B 67 19.67 -8.84 -10.28
CA ASN B 67 20.03 -10.25 -10.25
C ASN B 67 19.15 -11.03 -9.28
N TRP B 68 18.71 -10.37 -8.21
CA TRP B 68 17.81 -10.97 -7.24
C TRP B 68 16.45 -11.25 -7.86
N ALA B 69 15.94 -10.28 -8.60
CA ALA B 69 14.63 -10.40 -9.24
C ALA B 69 14.59 -11.56 -10.22
N LYS B 70 15.70 -11.80 -10.92
CA LYS B 70 15.79 -12.88 -11.88
C LYS B 70 15.69 -14.25 -11.21
N ARG B 71 15.97 -14.29 -9.92
CA ARG B 71 15.91 -15.54 -9.16
C ARG B 71 14.57 -15.71 -8.46
N VAL B 72 13.68 -14.73 -8.61
CA VAL B 72 12.34 -14.83 -8.05
C VAL B 72 11.46 -15.66 -8.98
N PRO B 73 10.95 -16.79 -8.47
CA PRO B 73 10.17 -17.77 -9.24
C PRO B 73 9.02 -17.15 -10.03
N GLY B 74 9.14 -17.17 -11.36
CA GLY B 74 8.11 -16.65 -12.22
C GLY B 74 8.43 -15.32 -12.86
N PHE B 75 9.47 -14.65 -12.36
CA PHE B 75 9.83 -13.33 -12.85
C PHE B 75 10.46 -13.38 -14.23
N VAL B 76 11.30 -14.37 -14.47
CA VAL B 76 11.96 -14.52 -15.77
C VAL B 76 11.00 -15.03 -16.82
N ASP B 77 9.89 -15.60 -16.38
CA ASP B 77 8.87 -16.11 -17.29
C ASP B 77 8.08 -14.95 -17.90
N LEU B 78 8.04 -13.83 -17.19
CA LEU B 78 7.36 -12.64 -17.67
C LEU B 78 8.09 -12.03 -18.85
N THR B 79 7.37 -11.30 -19.70
CA THR B 79 8.00 -10.59 -20.80
C THR B 79 8.94 -9.53 -20.24
N LEU B 80 9.99 -9.22 -21.00
CA LEU B 80 11.03 -8.31 -20.54
C LEU B 80 10.48 -6.91 -20.27
N HIS B 81 9.50 -6.51 -21.06
CA HIS B 81 8.82 -5.23 -20.87
C HIS B 81 8.13 -5.17 -19.51
N ASP B 82 7.55 -6.30 -19.10
CA ASP B 82 6.89 -6.39 -17.81
C ASP B 82 7.90 -6.44 -16.67
N GLN B 83 9.05 -7.06 -16.94
CA GLN B 83 10.12 -7.14 -15.95
C GLN B 83 10.68 -5.75 -15.65
N VAL B 84 10.85 -4.95 -16.70
CA VAL B 84 11.28 -3.56 -16.54
C VAL B 84 10.30 -2.78 -15.69
N HIS B 85 9.02 -2.87 -16.08
CA HIS B 85 7.97 -2.12 -15.42
C HIS B 85 7.84 -2.43 -13.94
N LEU B 86 7.96 -3.71 -13.58
CA LEU B 86 7.85 -4.13 -12.19
C LEU B 86 8.98 -3.57 -11.35
N LEU B 87 10.21 -3.68 -11.85
CA LEU B 87 11.37 -3.17 -11.11
C LEU B 87 11.37 -1.65 -11.00
N GLU B 88 10.91 -0.98 -12.06
CA GLU B 88 10.82 0.47 -12.07
C GLU B 88 9.85 0.99 -11.01
N CYS B 89 8.80 0.21 -10.77
CA CYS B 89 7.75 0.62 -9.85
C CYS B 89 8.05 0.26 -8.40
N ALA B 90 8.84 -0.78 -8.20
CA ALA B 90 9.00 -1.37 -6.86
C ALA B 90 10.39 -1.23 -6.26
N TRP B 91 11.33 -0.66 -7.01
CA TRP B 91 12.73 -0.65 -6.59
C TRP B 91 12.96 0.04 -5.24
N LEU B 92 12.22 1.11 -4.97
CA LEU B 92 12.37 1.81 -3.70
C LEU B 92 11.69 1.07 -2.56
N GLU B 93 10.58 0.41 -2.87
CA GLU B 93 9.88 -0.42 -1.89
C GLU B 93 10.79 -1.56 -1.42
N ILE B 94 11.50 -2.16 -2.37
CA ILE B 94 12.39 -3.28 -2.08
C ILE B 94 13.59 -2.84 -1.25
N LEU B 95 14.16 -1.69 -1.59
CA LEU B 95 15.27 -1.12 -0.83
C LEU B 95 14.82 -0.77 0.60
N MET B 96 13.61 -0.23 0.71
CA MET B 96 13.10 0.19 2.01
C MET B 96 12.79 -0.97 2.93
N ILE B 97 12.13 -2.01 2.41
CA ILE B 97 11.78 -3.16 3.23
C ILE B 97 13.05 -3.93 3.61
N GLY B 98 14.06 -3.88 2.74
CA GLY B 98 15.34 -4.48 3.04
C GLY B 98 16.01 -3.73 4.17
N LEU B 99 15.98 -2.41 4.08
CA LEU B 99 16.50 -1.53 5.12
C LEU B 99 15.79 -1.78 6.46
N VAL B 100 14.46 -1.81 6.40
CA VAL B 100 13.63 -2.04 7.58
C VAL B 100 13.96 -3.40 8.21
N TRP B 101 14.22 -4.39 7.36
CA TRP B 101 14.58 -5.73 7.84
C TRP B 101 15.96 -5.72 8.52
N ARG B 102 16.89 -4.97 7.95
CA ARG B 102 18.25 -4.90 8.49
C ARG B 102 18.28 -4.15 9.82
N SER B 103 17.29 -3.30 10.06
CA SER B 103 17.28 -2.43 11.22
C SER B 103 16.44 -2.97 12.38
N MET B 104 15.93 -4.18 12.22
CA MET B 104 15.06 -4.78 13.24
C MET B 104 15.77 -4.97 14.58
N GLU B 105 17.04 -5.35 14.53
CA GLU B 105 17.81 -5.57 15.76
C GLU B 105 18.46 -4.29 16.26
N HIS B 106 18.14 -3.17 15.62
CA HIS B 106 18.67 -1.88 16.04
C HIS B 106 17.55 -0.86 16.22
N PRO B 107 16.84 -0.94 17.35
CA PRO B 107 15.70 -0.05 17.65
C PRO B 107 16.11 1.41 17.70
N GLY B 108 15.33 2.27 17.04
CA GLY B 108 15.61 3.69 17.02
C GLY B 108 16.70 4.05 16.02
N LYS B 109 17.17 3.05 15.28
CA LYS B 109 18.24 3.24 14.31
C LYS B 109 17.91 2.58 12.98
N LEU B 110 18.46 3.14 11.91
CA LEU B 110 18.31 2.56 10.57
C LEU B 110 19.67 2.11 10.05
N LEU B 111 19.81 0.80 9.85
CA LEU B 111 21.06 0.25 9.34
C LEU B 111 21.06 0.21 7.82
N PHE B 112 21.46 1.30 7.20
CA PHE B 112 21.63 1.35 5.76
C PHE B 112 22.78 0.45 5.36
N ALA B 113 23.79 0.39 6.25
CA ALA B 113 24.98 -0.43 6.04
C ALA B 113 25.62 -0.70 7.40
N PRO B 114 26.41 -1.78 7.51
CA PRO B 114 27.10 -2.07 8.76
C PRO B 114 28.01 -0.93 9.21
N ASN B 115 28.55 -0.18 8.26
CA ASN B 115 29.38 0.98 8.57
C ASN B 115 28.59 2.28 8.41
N LEU B 116 27.27 2.17 8.35
CA LEU B 116 26.40 3.33 8.24
C LEU B 116 25.13 3.12 9.06
N LEU B 117 25.27 3.12 10.38
CA LEU B 117 24.13 2.96 11.27
C LEU B 117 23.63 4.32 11.73
N LEU B 118 22.49 4.74 11.18
CA LEU B 118 21.98 6.09 11.43
C LEU B 118 20.90 6.12 12.50
N ASP B 119 21.12 6.94 13.52
CA ASP B 119 20.10 7.22 14.52
C ASP B 119 19.04 8.12 13.89
N ARG B 120 17.88 8.22 14.52
CA ARG B 120 16.77 9.01 13.99
C ARG B 120 17.15 10.44 13.65
N ASN B 121 17.91 11.08 14.55
CA ASN B 121 18.21 12.51 14.44
C ASN B 121 19.18 12.86 13.30
N GLN B 122 19.79 11.85 12.70
CA GLN B 122 20.70 12.10 11.59
C GLN B 122 19.92 12.23 10.28
N GLY B 123 18.61 12.07 10.38
CA GLY B 123 17.73 12.32 9.25
C GLY B 123 17.48 13.82 9.12
N LYS B 124 17.72 14.55 10.20
CA LYS B 124 17.56 16.00 10.19
C LYS B 124 18.61 16.67 9.32
N VAL B 126 19.24 16.12 6.26
CA VAL B 126 18.67 16.40 4.95
C VAL B 126 17.25 16.94 5.14
N GLU B 127 16.92 17.96 4.35
CA GLU B 127 15.59 18.57 4.39
C GLU B 127 14.49 17.56 4.07
N GLY B 128 13.50 17.48 4.95
CA GLY B 128 12.36 16.59 4.76
C GLY B 128 12.73 15.12 4.75
N MET B 129 13.79 14.77 5.46
CA MET B 129 14.29 13.40 5.50
C MET B 129 13.87 12.68 6.78
N VAL B 130 13.72 13.44 7.86
CA VAL B 130 13.47 12.86 9.18
C VAL B 130 12.08 12.21 9.27
N GLU B 131 11.13 12.69 8.48
CA GLU B 131 9.78 12.13 8.50
C GLU B 131 9.73 10.85 7.69
N ILE B 132 10.68 10.69 6.78
CA ILE B 132 10.85 9.43 6.06
C ILE B 132 11.50 8.41 7.00
N PHE B 133 12.47 8.86 7.78
CA PHE B 133 13.11 8.02 8.78
C PHE B 133 12.10 7.50 9.80
N ASP B 134 11.24 8.39 10.27
CA ASP B 134 10.23 8.05 11.27
C ASP B 134 9.32 6.94 10.79
N MET B 135 8.94 6.99 9.52
CA MET B 135 8.10 5.95 8.94
C MET B 135 8.86 4.65 8.77
N LEU B 136 10.15 4.75 8.44
CA LEU B 136 11.00 3.57 8.30
C LEU B 136 11.27 2.94 9.66
N LEU B 137 11.46 3.78 10.68
CA LEU B 137 11.67 3.31 12.04
C LEU B 137 10.39 2.68 12.60
N ALA B 138 9.26 3.28 12.27
CA ALA B 138 7.97 2.78 12.74
C ALA B 138 7.64 1.43 12.10
N THR B 139 8.08 1.26 10.86
CA THR B 139 7.87 0.01 10.14
C THR B 139 8.73 -1.10 10.76
N SER B 140 9.94 -0.74 11.17
CA SER B 140 10.86 -1.68 11.78
C SER B 140 10.34 -2.17 13.12
N SER B 141 9.75 -1.25 13.89
CA SER B 141 9.17 -1.60 15.17
C SER B 141 7.94 -2.48 14.99
N ARG B 142 7.24 -2.29 13.88
CA ARG B 142 6.07 -3.09 13.57
C ARG B 142 6.46 -4.52 13.24
N PHE B 143 7.50 -4.68 12.42
CA PHE B 143 8.05 -6.01 12.13
C PHE B 143 8.54 -6.66 13.41
N ARG B 144 9.07 -5.84 14.32
CA ARG B 144 9.61 -6.32 15.58
C ARG B 144 8.51 -6.83 16.50
N MET B 145 7.41 -6.07 16.59
CA MET B 145 6.29 -6.44 17.43
C MET B 145 5.59 -7.70 16.90
N MET B 146 5.54 -7.82 15.58
CA MET B 146 4.91 -8.98 14.95
C MET B 146 5.82 -10.20 14.97
N ASN B 147 7.08 -9.98 15.36
CA ASN B 147 8.11 -11.02 15.31
C ASN B 147 8.21 -11.61 13.90
N LEU B 148 8.43 -10.74 12.93
CA LEU B 148 8.55 -11.14 11.53
C LEU B 148 9.74 -12.08 11.34
N GLN B 149 9.50 -13.16 10.60
CA GLN B 149 10.56 -14.13 10.33
C GLN B 149 11.20 -13.87 8.97
N GLY B 150 12.42 -14.36 8.79
CA GLY B 150 13.13 -14.20 7.54
C GLY B 150 12.43 -14.85 6.37
N GLU B 151 11.76 -15.97 6.65
CA GLU B 151 11.01 -16.68 5.63
C GLU B 151 9.81 -15.84 5.17
N GLU B 152 9.19 -15.14 6.10
CA GLU B 152 8.07 -14.28 5.78
C GLU B 152 8.53 -13.04 5.05
N PHE B 153 9.73 -12.56 5.39
CA PHE B 153 10.30 -11.37 4.79
C PHE B 153 10.57 -11.53 3.30
N VAL B 154 11.20 -12.63 2.92
CA VAL B 154 11.54 -12.86 1.52
C VAL B 154 10.28 -13.08 0.68
N CYS B 155 9.23 -13.58 1.32
CA CYS B 155 7.94 -13.73 0.65
C CYS B 155 7.33 -12.37 0.38
N LEU B 156 7.33 -11.52 1.42
CA LEU B 156 6.78 -10.17 1.32
C LEU B 156 7.50 -9.35 0.26
N LYS B 157 8.81 -9.52 0.17
CA LYS B 157 9.62 -8.76 -0.78
C LYS B 157 9.33 -9.19 -2.21
N SER B 158 9.08 -10.49 -2.40
CA SER B 158 8.73 -11.02 -3.71
C SER B 158 7.33 -10.57 -4.13
N ILE B 159 6.43 -10.50 -3.14
CA ILE B 159 5.07 -10.01 -3.39
C ILE B 159 5.11 -8.57 -3.87
N ILE B 160 5.91 -7.74 -3.20
CA ILE B 160 6.09 -6.34 -3.56
C ILE B 160 6.52 -6.20 -5.01
N LEU B 161 7.52 -6.98 -5.41
CA LEU B 161 8.05 -6.94 -6.76
C LEU B 161 6.99 -7.26 -7.81
N LEU B 162 6.14 -8.22 -7.51
CA LEU B 162 5.16 -8.72 -8.48
C LEU B 162 3.85 -7.94 -8.48
N ASN B 163 3.46 -7.41 -7.32
CA ASN B 163 2.15 -6.76 -7.18
C ASN B 163 2.15 -5.25 -7.46
N SER B 164 3.25 -4.58 -7.14
CA SER B 164 3.32 -3.12 -7.17
C SER B 164 3.24 -2.48 -8.56
N GLY B 165 3.09 -3.30 -9.60
CA GLY B 165 3.00 -2.78 -10.95
C GLY B 165 1.92 -3.44 -11.80
N VAL B 166 1.01 -4.16 -11.14
CA VAL B 166 -0.04 -4.90 -11.86
C VAL B 166 -1.09 -3.97 -12.45
N TYR B 167 -1.60 -3.05 -11.63
CA TYR B 167 -2.65 -2.14 -12.07
C TYR B 167 -2.13 -0.99 -12.94
N THR B 168 -1.05 -1.23 -13.67
CA THR B 168 -0.51 -0.23 -14.59
C THR B 168 -0.29 -0.83 -15.97
N ASP B 181 -2.54 -12.11 -15.12
CA ASP B 181 -2.83 -13.52 -15.36
C ASP B 181 -1.78 -14.42 -14.70
N HIS B 182 -0.61 -14.48 -15.31
CA HIS B 182 0.48 -15.32 -14.81
C HIS B 182 1.03 -14.76 -13.50
N ILE B 183 1.03 -13.44 -13.37
CA ILE B 183 1.51 -12.78 -12.16
C ILE B 183 0.66 -13.14 -10.94
N HIS B 184 -0.66 -13.09 -11.12
CA HIS B 184 -1.59 -13.34 -10.02
C HIS B 184 -1.55 -14.79 -9.52
N ARG B 185 -1.19 -15.72 -10.40
CA ARG B 185 -1.08 -17.12 -10.01
C ARG B 185 0.19 -17.38 -9.22
N VAL B 186 1.22 -16.57 -9.47
CA VAL B 186 2.44 -16.63 -8.67
C VAL B 186 2.20 -15.98 -7.32
N LEU B 187 1.44 -14.89 -7.32
CA LEU B 187 1.09 -14.19 -6.09
C LEU B 187 0.27 -15.09 -5.17
N ASP B 188 -0.60 -15.90 -5.76
CA ASP B 188 -1.39 -16.86 -5.01
C ASP B 188 -0.51 -17.98 -4.46
N LYS B 189 0.60 -18.24 -5.14
CA LYS B 189 1.55 -19.26 -4.70
C LYS B 189 2.33 -18.79 -3.47
N ILE B 190 2.70 -17.52 -3.45
CA ILE B 190 3.40 -16.95 -2.31
C ILE B 190 2.46 -16.83 -1.13
N THR B 191 1.18 -16.62 -1.41
CA THR B 191 0.15 -16.59 -0.38
C THR B 191 0.04 -17.95 0.30
N ASP B 192 -0.01 -19.00 -0.52
CA ASP B 192 -0.02 -20.37 -0.02
C ASP B 192 1.23 -20.66 0.80
N THR B 193 2.36 -20.13 0.34
CA THR B 193 3.64 -20.32 1.02
C THR B 193 3.64 -19.64 2.39
N LEU B 194 3.13 -18.41 2.44
CA LEU B 194 3.03 -17.66 3.69
C LEU B 194 2.16 -18.41 4.70
N ILE B 195 1.04 -18.94 4.23
CA ILE B 195 0.13 -19.70 5.08
C ILE B 195 0.81 -20.96 5.60
N HIS B 196 1.51 -21.65 4.72
CA HIS B 196 2.23 -22.87 5.08
C HIS B 196 3.24 -22.60 6.19
N LEU B 197 3.91 -21.45 6.11
CA LEU B 197 4.89 -21.06 7.12
C LEU B 197 4.24 -20.89 8.48
N MET B 198 3.15 -20.13 8.52
CA MET B 198 2.43 -19.86 9.77
C MET B 198 1.82 -21.14 10.34
N ALA B 199 1.34 -22.01 9.46
CA ALA B 199 0.79 -23.29 9.87
C ALA B 199 1.88 -24.18 10.44
N LYS B 200 3.07 -24.08 9.84
CA LYS B 200 4.23 -24.82 10.30
C LYS B 200 4.80 -24.19 11.56
N ALA B 201 4.55 -22.89 11.72
CA ALA B 201 5.03 -22.15 12.89
C ALA B 201 4.17 -22.42 14.12
N GLY B 202 3.00 -23.01 13.90
CA GLY B 202 2.13 -23.41 14.99
C GLY B 202 0.95 -22.50 15.22
N LEU B 203 0.64 -21.66 14.24
CA LEU B 203 -0.50 -20.75 14.34
C LEU B 203 -1.80 -21.44 13.95
N THR B 204 -2.87 -21.17 14.70
CA THR B 204 -4.18 -21.71 14.39
C THR B 204 -4.70 -21.13 13.09
N LEU B 205 -5.70 -21.78 12.50
CA LEU B 205 -6.25 -21.36 11.21
C LEU B 205 -6.72 -19.91 11.23
N GLN B 206 -7.29 -19.48 12.35
CA GLN B 206 -7.77 -18.12 12.49
C GLN B 206 -6.60 -17.13 12.60
N GLN B 207 -5.57 -17.53 13.32
CA GLN B 207 -4.39 -16.70 13.50
C GLN B 207 -3.62 -16.55 12.18
N GLN B 208 -3.76 -17.53 11.31
CA GLN B 208 -3.05 -17.53 10.03
C GLN B 208 -3.53 -16.41 9.11
N HIS B 209 -4.83 -16.37 8.84
CA HIS B 209 -5.37 -15.37 7.93
C HIS B 209 -5.39 -13.99 8.57
N GLN B 210 -5.37 -13.95 9.90
CA GLN B 210 -5.26 -12.69 10.63
C GLN B 210 -3.86 -12.11 10.47
N ARG B 211 -2.86 -12.95 10.68
CA ARG B 211 -1.47 -12.53 10.54
C ARG B 211 -1.14 -12.25 9.07
N LEU B 212 -1.71 -13.04 8.18
CA LEU B 212 -1.55 -12.83 6.75
C LEU B 212 -2.05 -11.45 6.35
N ALA B 213 -3.19 -11.07 6.91
CA ALA B 213 -3.78 -9.77 6.65
C ALA B 213 -2.89 -8.65 7.17
N GLN B 214 -2.38 -8.83 8.38
CA GLN B 214 -1.52 -7.82 9.01
C GLN B 214 -0.25 -7.58 8.21
N LEU B 215 0.34 -8.65 7.72
CA LEU B 215 1.57 -8.55 6.93
C LEU B 215 1.34 -7.78 5.63
N LEU B 216 0.23 -8.09 4.95
CA LEU B 216 -0.06 -7.47 3.67
C LEU B 216 -0.52 -6.02 3.83
N LEU B 217 -1.11 -5.70 4.97
CA LEU B 217 -1.53 -4.33 5.26
C LEU B 217 -0.32 -3.42 5.49
N ILE B 218 0.81 -4.03 5.85
CA ILE B 218 2.05 -3.27 6.03
C ILE B 218 2.59 -2.81 4.68
N LEU B 219 2.34 -3.60 3.65
CA LEU B 219 2.79 -3.27 2.29
C LEU B 219 2.17 -1.97 1.81
N SER B 220 1.00 -1.64 2.35
CA SER B 220 0.34 -0.38 2.03
C SER B 220 1.15 0.79 2.58
N HIS B 221 1.72 0.60 3.77
CA HIS B 221 2.56 1.63 4.38
C HIS B 221 3.92 1.71 3.70
N ILE B 222 4.43 0.56 3.29
CA ILE B 222 5.68 0.49 2.56
C ILE B 222 5.52 1.19 1.20
N ARG B 223 4.34 1.03 0.62
CA ARG B 223 3.98 1.73 -0.62
C ARG B 223 3.99 3.24 -0.38
N HIS B 224 3.40 3.65 0.74
CA HIS B 224 3.31 5.04 1.13
C HIS B 224 4.70 5.67 1.30
N MET B 225 5.58 4.95 2.00
CA MET B 225 6.94 5.43 2.23
C MET B 225 7.69 5.60 0.92
N SER B 226 7.50 4.66 0.00
CA SER B 226 8.15 4.70 -1.30
C SER B 226 7.76 5.94 -2.10
N ASN B 227 6.46 6.23 -2.13
CA ASN B 227 5.95 7.38 -2.85
C ASN B 227 6.48 8.69 -2.27
N LYS B 228 6.61 8.73 -0.94
CA LYS B 228 7.15 9.90 -0.27
C LYS B 228 8.66 10.01 -0.49
N GLY B 229 9.32 8.87 -0.50
CA GLY B 229 10.75 8.82 -0.75
C GLY B 229 11.05 9.19 -2.19
N MET B 230 10.16 8.78 -3.10
CA MET B 230 10.32 9.09 -4.52
C MET B 230 10.15 10.58 -4.76
N GLU B 231 9.21 11.19 -4.06
CA GLU B 231 8.96 12.63 -4.18
C GLU B 231 10.14 13.40 -3.58
N HIS B 232 10.71 12.86 -2.52
CA HIS B 232 11.85 13.49 -1.86
C HIS B 232 13.11 13.38 -2.73
N LEU B 233 13.32 12.22 -3.32
CA LEU B 233 14.47 11.99 -4.18
C LEU B 233 14.42 12.89 -5.40
N TYR B 234 13.22 13.07 -5.96
CA TYR B 234 13.04 13.93 -7.12
C TYR B 234 13.19 15.39 -6.70
N SER B 235 12.87 15.69 -5.44
CA SER B 235 13.05 17.02 -4.89
C SER B 235 14.53 17.37 -4.80
N MET B 236 15.33 16.39 -4.39
CA MET B 236 16.77 16.59 -4.27
C MET B 236 17.43 16.73 -5.65
N LYS B 237 16.84 16.09 -6.65
CA LYS B 237 17.38 16.14 -8.00
C LYS B 237 17.14 17.49 -8.65
N CYS B 238 15.99 18.09 -8.35
CA CYS B 238 15.60 19.36 -8.96
C CYS B 238 16.27 20.54 -8.26
N LYS B 239 16.75 20.32 -7.04
CA LYS B 239 17.46 21.35 -6.29
C LYS B 239 18.97 21.18 -6.43
N ASN B 240 19.37 20.21 -7.25
CA ASN B 240 20.77 19.88 -7.47
C ASN B 240 21.52 19.60 -6.16
N VAL B 241 20.85 18.91 -5.24
CA VAL B 241 21.47 18.55 -3.97
C VAL B 241 22.56 17.51 -4.17
N VAL B 242 22.29 16.54 -5.05
CA VAL B 242 23.22 15.44 -5.28
C VAL B 242 23.11 14.91 -6.70
N PRO B 243 24.25 14.51 -7.30
CA PRO B 243 24.27 13.91 -8.64
C PRO B 243 23.68 12.50 -8.62
N LEU B 244 22.86 12.19 -9.63
CA LEU B 244 22.24 10.87 -9.71
C LEU B 244 22.78 10.09 -10.90
N SER B 245 23.04 8.80 -10.70
CA SER B 245 23.48 7.94 -11.78
C SER B 245 22.37 7.81 -12.82
N ASP B 246 22.75 7.42 -14.04
CA ASP B 246 21.80 7.31 -15.14
C ASP B 246 20.73 6.27 -14.84
N LEU B 247 21.09 5.25 -14.07
CA LEU B 247 20.14 4.22 -13.67
C LEU B 247 19.06 4.80 -12.77
N LEU B 248 19.49 5.57 -11.76
CA LEU B 248 18.55 6.19 -10.82
C LEU B 248 17.68 7.23 -11.50
N LEU B 249 18.24 7.95 -12.47
CA LEU B 249 17.50 8.98 -13.19
C LEU B 249 16.29 8.41 -13.91
N GLU B 250 16.52 7.24 -14.49
CA GLU B 250 15.54 6.47 -15.21
C GLU B 250 14.47 5.89 -14.27
N MET B 251 14.85 5.52 -13.06
CA MET B 251 13.99 4.99 -12.01
C MET B 251 13.02 6.08 -11.56
N LEU B 252 13.52 7.30 -11.46
CA LEU B 252 12.71 8.45 -11.10
C LEU B 252 11.76 8.85 -12.22
N ASP B 253 12.28 8.79 -13.45
CA ASP B 253 11.50 9.17 -14.63
C ASP B 253 10.23 8.33 -14.79
N ALA B 254 10.32 7.06 -14.39
CA ALA B 254 9.19 6.15 -14.50
C ALA B 254 8.07 6.52 -13.53
N HIS B 255 8.39 7.34 -12.55
CA HIS B 255 7.41 7.80 -11.57
C HIS B 255 7.03 9.25 -11.81
N LYS C 3 15.42 2.28 -21.65
CA LYS C 3 16.42 1.42 -22.24
C LYS C 3 17.55 0.96 -21.20
N LYS C 4 17.87 1.79 -20.23
CA LYS C 4 18.95 1.46 -19.33
C LYS C 4 18.81 0.11 -18.61
N LEU C 5 17.69 -0.08 -17.94
CA LEU C 5 17.37 -1.26 -17.14
C LEU C 5 17.18 -2.41 -18.09
N HIS C 6 16.51 -2.11 -19.19
CA HIS C 6 16.33 -3.00 -20.31
C HIS C 6 17.63 -3.67 -20.72
N ARG C 7 18.76 -3.01 -20.57
CA ARG C 7 19.98 -3.71 -20.86
C ARG C 7 20.50 -4.53 -19.66
N LEU C 9 18.84 -6.51 -17.73
CA LEU C 9 18.18 -7.84 -18.00
C LEU C 9 18.44 -8.30 -19.42
N GLN C 10 19.44 -7.66 -20.12
CA GLN C 10 20.01 -8.10 -21.34
C GLN C 10 19.00 -8.74 -22.30
N ARG D 7 -13.72 18.88 13.92
CA ARG D 7 -14.62 19.34 14.97
C ARG D 7 -16.07 19.11 14.54
N LEU D 9 -16.67 15.84 14.34
CA LEU D 9 -16.55 14.44 14.74
C LEU D 9 -17.14 14.20 16.12
#